data_2PAF
#
_entry.id   2PAF
#
_cell.length_a   77.541
_cell.length_b   77.541
_cell.length_c   212.456
_cell.angle_alpha   90.00
_cell.angle_beta   90.00
_cell.angle_gamma   90.00
#
_symmetry.space_group_name_H-M   'P 41 21 2'
#
loop_
_entity.id
_entity.type
_entity.pdbx_description
1 polymer 'Lactose operon repressor'
2 non-polymer '2-nitrophenyl beta-D-fucopyranoside'
#
_entity_poly.entity_id   1
_entity_poly.type   'polypeptide(L)'
_entity_poly.pdbx_seq_one_letter_code
;LLIGVATSSLALHAPSQIVAAIKSRADQLGASVVVSMVERSGVEACKAAVHNLLAQRVSGLIINYPLDDQDAIAVEAACT
NVPALFLDVSDQTPINSIIFSHEDGTRLGVEHLVALGHQQIALLAGPLSSVSARLRLAGWHKYLTRNQIQPIAEREGDWS
AMSGFQQTMQMLNEGIVPTAMLVANDQMALGAMRAITESGLRVGADISVVGYDDTEDSSCYIPPLTTIKQDFRLLGQTSV
DRLLQLSQGQAVKGNQLLPVSLVKRKTTL
;
_entity_poly.pdbx_strand_id   A,B
#
loop_
_chem_comp.id
_chem_comp.type
_chem_comp.name
_chem_comp.formula
NPF D-saccharide '2-nitrophenyl beta-D-fucopyranoside' 'C12 H15 N O7'
#
# COMPACT_ATOMS: atom_id res chain seq x y z
N LEU A 1 26.27 4.37 7.28
CA LEU A 1 25.70 5.76 7.24
C LEU A 1 24.45 5.91 6.33
N LEU A 2 24.43 5.22 5.18
CA LEU A 2 23.27 5.23 4.23
C LEU A 2 22.85 3.83 3.74
N ILE A 3 21.59 3.46 4.02
CA ILE A 3 21.07 2.12 3.69
C ILE A 3 20.24 2.07 2.42
N GLY A 4 20.66 1.19 1.52
CA GLY A 4 19.99 0.95 0.24
C GLY A 4 19.06 -0.23 0.34
N VAL A 5 17.87 -0.03 -0.20
CA VAL A 5 16.85 -1.05 -0.18
C VAL A 5 16.34 -1.31 -1.60
N ALA A 6 16.45 -2.56 -2.04
CA ALA A 6 15.87 -3.02 -3.31
C ALA A 6 14.54 -3.72 -3.03
N THR A 7 13.49 -3.43 -3.81
CA THR A 7 12.20 -4.01 -3.49
C THR A 7 11.30 -4.32 -4.66
N SER A 8 10.47 -5.35 -4.52
CA SER A 8 9.49 -5.65 -5.56
C SER A 8 8.44 -4.58 -5.49
N SER A 9 7.69 -4.36 -6.58
CA SER A 9 6.80 -3.17 -6.70
C SER A 9 6.13 -2.76 -5.37
N LEU A 10 6.32 -1.45 -5.08
CA LEU A 10 5.82 -0.82 -3.86
C LEU A 10 4.32 -0.83 -3.83
N ALA A 11 3.72 -1.00 -5.01
CA ALA A 11 2.28 -1.04 -5.19
C ALA A 11 1.61 -2.10 -4.29
N LEU A 12 2.29 -3.23 -4.10
CA LEU A 12 1.88 -4.19 -3.09
C LEU A 12 2.11 -3.54 -1.72
N HIS A 13 1.30 -3.91 -0.74
CA HIS A 13 1.34 -3.24 0.55
C HIS A 13 2.46 -3.65 1.50
N ALA A 14 2.81 -4.94 1.56
CA ALA A 14 3.72 -5.35 2.61
C ALA A 14 5.11 -4.73 2.36
N PRO A 15 5.59 -4.80 1.13
CA PRO A 15 6.93 -4.23 0.93
C PRO A 15 7.02 -2.81 1.46
N SER A 16 5.97 -2.01 1.20
CA SER A 16 5.81 -0.67 1.78
C SER A 16 6.07 -0.63 3.28
N GLN A 17 5.27 -1.37 4.02
CA GLN A 17 5.33 -1.37 5.49
C GLN A 17 6.72 -1.74 5.93
N ILE A 18 7.29 -2.72 5.20
CA ILE A 18 8.66 -3.14 5.38
C ILE A 18 9.58 -1.97 5.14
N VAL A 19 9.54 -1.45 3.90
CA VAL A 19 10.30 -0.25 3.52
C VAL A 19 10.12 0.84 4.59
N ALA A 20 8.89 0.98 5.11
CA ALA A 20 8.62 2.05 6.06
C ALA A 20 9.23 1.74 7.39
N ALA A 21 9.30 0.43 7.69
CA ALA A 21 9.82 -0.02 8.96
C ALA A 21 11.32 0.09 8.92
N ILE A 22 11.91 -0.19 7.76
CA ILE A 22 13.34 -0.03 7.56
C ILE A 22 13.72 1.40 7.87
N LYS A 23 12.87 2.34 7.44
CA LYS A 23 13.09 3.76 7.76
C LYS A 23 13.07 4.03 9.28
N SER A 24 11.95 3.73 9.94
CA SER A 24 11.81 4.06 11.37
C SER A 24 12.99 3.64 12.30
N ARG A 25 13.81 2.68 11.86
CA ARG A 25 14.99 2.32 12.65
C ARG A 25 16.20 3.12 12.17
N ALA A 26 16.36 3.23 10.85
CA ALA A 26 17.38 4.10 10.26
C ALA A 26 17.24 5.48 10.87
N ASP A 27 15.99 5.86 11.10
CA ASP A 27 15.61 7.13 11.73
C ASP A 27 16.14 7.21 13.17
N GLN A 28 15.88 6.16 13.92
CA GLN A 28 16.31 6.02 15.28
C GLN A 28 17.85 5.97 15.45
N LEU A 29 18.56 5.48 14.45
CA LEU A 29 20.02 5.37 14.52
C LEU A 29 20.74 6.55 13.88
N GLY A 30 20.08 7.19 12.92
CA GLY A 30 20.61 8.35 12.25
C GLY A 30 21.20 8.00 10.91
N ALA A 31 20.77 6.84 10.38
CA ALA A 31 21.05 6.45 8.99
C ALA A 31 20.08 7.15 8.06
N SER A 32 20.47 7.29 6.81
CA SER A 32 19.54 7.71 5.79
C SER A 32 19.15 6.50 4.98
N VAL A 33 17.97 6.55 4.35
CA VAL A 33 17.52 5.45 3.51
C VAL A 33 17.21 5.89 2.12
N VAL A 34 17.67 5.10 1.18
CA VAL A 34 17.21 5.22 -0.19
C VAL A 34 16.68 3.89 -0.70
N VAL A 35 15.54 3.96 -1.42
CA VAL A 35 14.81 2.79 -1.86
C VAL A 35 14.68 2.87 -3.36
N SER A 36 15.04 1.77 -4.04
CA SER A 36 14.74 1.71 -5.46
C SER A 36 13.96 0.44 -5.72
N MET A 37 13.34 0.39 -6.90
CA MET A 37 12.18 -0.46 -7.10
C MET A 37 12.34 -1.48 -8.20
N VAL A 38 12.24 -2.75 -7.85
CA VAL A 38 12.48 -3.79 -8.86
C VAL A 38 11.32 -3.87 -9.84
N GLU A 39 11.66 -4.00 -11.13
CA GLU A 39 10.68 -4.52 -12.08
C GLU A 39 10.25 -5.88 -11.55
N ARG A 40 8.95 -6.02 -11.38
CA ARG A 40 8.35 -7.10 -10.60
C ARG A 40 8.61 -8.55 -11.11
N SER A 41 9.57 -8.73 -12.02
CA SER A 41 9.71 -10.06 -12.67
C SER A 41 11.02 -10.34 -13.45
N GLY A 42 11.76 -11.35 -12.97
CA GLY A 42 13.11 -11.67 -13.45
C GLY A 42 14.10 -11.59 -12.29
N VAL A 43 15.37 -11.90 -12.55
CA VAL A 43 16.47 -11.56 -11.62
C VAL A 43 17.23 -10.41 -12.23
N GLU A 44 17.47 -10.53 -13.56
CA GLU A 44 17.84 -9.38 -14.40
C GLU A 44 17.14 -8.18 -13.75
N ALA A 45 15.81 -8.25 -13.73
CA ALA A 45 14.98 -7.39 -12.92
C ALA A 45 15.71 -6.81 -11.72
N CYS A 46 16.10 -7.67 -10.79
CA CYS A 46 16.48 -7.21 -9.48
C CYS A 46 17.90 -6.67 -9.41
N LYS A 47 18.77 -7.19 -10.27
CA LYS A 47 20.16 -6.75 -10.18
C LYS A 47 20.40 -5.72 -11.23
N ALA A 48 19.37 -5.48 -12.04
CA ALA A 48 19.32 -4.27 -12.86
C ALA A 48 18.87 -3.07 -12.03
N ALA A 49 18.77 -3.32 -10.74
CA ALA A 49 19.04 -2.29 -9.74
C ALA A 49 19.99 -2.81 -8.67
N VAL A 50 19.92 -2.51 -7.47
CA VAL A 50 20.98 -2.92 -6.59
C VAL A 50 22.16 -2.13 -7.17
N HIS A 51 22.30 -2.17 -8.51
CA HIS A 51 23.18 -1.27 -9.23
C HIS A 51 22.64 0.12 -9.18
N ASN A 52 21.32 0.22 -9.38
CA ASN A 52 20.78 1.54 -9.66
C ASN A 52 20.42 2.19 -8.36
N LEU A 53 21.42 2.15 -7.46
CA LEU A 53 21.27 2.02 -6.02
C LEU A 53 22.68 1.82 -5.40
N LEU A 54 23.64 1.46 -6.25
CA LEU A 54 25.06 1.49 -5.88
C LEU A 54 25.71 2.69 -6.58
N ALA A 55 24.99 3.25 -7.53
CA ALA A 55 25.34 4.54 -8.14
C ALA A 55 25.13 5.65 -7.13
N GLN A 56 24.92 5.26 -5.89
CA GLN A 56 24.62 6.19 -4.83
C GLN A 56 25.58 5.93 -3.67
N ARG A 57 26.34 4.84 -3.82
CA ARG A 57 27.27 4.35 -2.79
C ARG A 57 26.56 4.21 -1.47
N VAL A 58 25.82 3.12 -1.34
CA VAL A 58 25.01 2.90 -0.13
C VAL A 58 25.86 2.12 0.87
N SER A 59 25.86 2.50 2.14
CA SER A 59 26.74 1.83 3.12
C SER A 59 26.51 0.32 3.19
N GLY A 60 25.26 -0.11 2.95
CA GLY A 60 24.85 -1.54 2.97
C GLY A 60 23.57 -1.79 2.17
N LEU A 61 23.20 -3.04 1.98
CA LEU A 61 22.03 -3.29 1.17
C LEU A 61 21.06 -4.20 1.87
N ILE A 62 19.78 -3.83 1.80
CA ILE A 62 18.72 -4.69 2.30
C ILE A 62 17.88 -5.09 1.12
N ILE A 63 17.87 -6.36 0.81
CA ILE A 63 17.29 -6.74 -0.45
C ILE A 63 16.04 -7.53 -0.28
N ASN A 64 14.92 -6.88 -0.62
CA ASN A 64 13.59 -7.49 -0.66
C ASN A 64 13.07 -7.72 -2.09
N TYR A 65 13.69 -8.70 -2.76
CA TYR A 65 13.16 -9.23 -3.99
C TYR A 65 13.17 -10.74 -3.83
N PRO A 66 12.13 -11.42 -4.32
CA PRO A 66 12.12 -12.85 -4.22
C PRO A 66 13.22 -13.39 -5.10
N LEU A 67 14.10 -14.19 -4.48
CA LEU A 67 15.21 -14.71 -5.22
C LEU A 67 15.26 -16.21 -5.10
N ASP A 68 15.19 -16.85 -6.25
CA ASP A 68 15.36 -18.31 -6.39
C ASP A 68 16.69 -18.71 -5.73
N ASP A 69 17.07 -19.98 -5.79
CA ASP A 69 18.25 -20.39 -5.00
C ASP A 69 19.58 -20.00 -5.66
N GLN A 70 19.63 -20.12 -6.99
CA GLN A 70 20.79 -19.73 -7.78
C GLN A 70 20.98 -18.23 -7.76
N ASP A 71 19.93 -17.51 -8.20
CA ASP A 71 19.94 -16.06 -8.30
C ASP A 71 20.36 -15.35 -7.01
N ALA A 72 20.01 -15.93 -5.87
CA ALA A 72 20.47 -15.47 -4.58
C ALA A 72 21.95 -15.09 -4.59
N ILE A 73 22.84 -16.09 -4.77
CA ILE A 73 24.31 -15.84 -4.83
C ILE A 73 24.69 -15.06 -6.07
N ALA A 74 24.08 -15.46 -7.17
CA ALA A 74 24.22 -14.75 -8.41
C ALA A 74 24.09 -13.25 -8.17
N VAL A 75 23.53 -12.88 -7.01
CA VAL A 75 23.41 -11.47 -6.73
C VAL A 75 24.29 -11.04 -5.57
N GLU A 76 24.34 -11.85 -4.53
CA GLU A 76 25.22 -11.52 -3.39
C GLU A 76 26.66 -11.32 -3.86
N ALA A 77 26.97 -11.96 -5.00
CA ALA A 77 28.22 -11.73 -5.68
C ALA A 77 28.17 -10.32 -6.26
N ALA A 78 27.23 -10.07 -7.19
CA ALA A 78 27.13 -8.77 -7.86
C ALA A 78 27.37 -7.57 -6.94
N CYS A 79 26.75 -7.56 -5.75
CA CYS A 79 27.11 -6.56 -4.76
C CYS A 79 28.54 -6.86 -4.40
N THR A 80 28.67 -7.89 -3.56
CA THR A 80 29.88 -8.19 -2.77
C THR A 80 30.74 -6.95 -2.60
N ASN A 81 30.95 -6.58 -1.30
CA ASN A 81 31.93 -5.54 -0.96
C ASN A 81 31.84 -4.70 0.34
N VAL A 82 30.71 -4.07 0.73
CA VAL A 82 29.31 -4.18 0.29
C VAL A 82 28.58 -5.31 0.98
N PRO A 83 28.06 -5.00 2.18
CA PRO A 83 27.27 -5.93 2.91
C PRO A 83 25.86 -5.85 2.36
N ALA A 84 25.19 -7.00 2.40
CA ALA A 84 23.84 -7.13 1.88
C ALA A 84 23.09 -8.09 2.75
N LEU A 85 21.78 -8.07 2.61
CA LEU A 85 20.92 -8.76 3.53
C LEU A 85 19.62 -9.07 2.84
N PHE A 86 19.48 -10.30 2.39
CA PHE A 86 18.29 -10.68 1.66
C PHE A 86 17.08 -10.89 2.56
N LEU A 87 15.94 -10.37 2.14
CA LEU A 87 14.73 -10.51 2.95
C LEU A 87 13.78 -11.51 2.34
N ASP A 88 14.08 -12.01 1.14
CA ASP A 88 13.13 -12.88 0.45
C ASP A 88 13.73 -14.06 -0.31
N VAL A 89 14.34 -14.95 0.46
CA VAL A 89 14.89 -16.21 -0.02
C VAL A 89 14.47 -17.34 0.89
N SER A 90 14.94 -18.54 0.54
CA SER A 90 14.83 -19.69 1.43
C SER A 90 15.87 -19.69 2.57
N ASP A 91 15.46 -20.18 3.72
CA ASP A 91 16.37 -20.31 4.81
C ASP A 91 17.42 -21.40 4.49
N GLN A 92 17.62 -21.67 3.20
CA GLN A 92 18.48 -22.77 2.79
C GLN A 92 19.74 -22.30 2.05
N THR A 93 19.91 -20.98 1.94
CA THR A 93 21.00 -20.41 1.15
C THR A 93 22.09 -19.77 1.98
N PRO A 94 23.35 -20.04 1.60
CA PRO A 94 24.59 -19.57 2.26
C PRO A 94 24.81 -18.05 2.21
N ILE A 95 23.77 -17.32 1.79
CA ILE A 95 23.76 -15.86 1.93
C ILE A 95 23.29 -15.45 3.33
N ASN A 96 23.08 -14.16 3.54
CA ASN A 96 22.72 -13.72 4.87
C ASN A 96 21.23 -13.44 4.89
N SER A 97 20.42 -14.42 5.24
CA SER A 97 18.98 -14.23 5.15
C SER A 97 18.47 -13.55 6.42
N ILE A 98 17.21 -13.08 6.35
CA ILE A 98 16.28 -12.93 7.50
C ILE A 98 14.87 -13.12 6.93
N ILE A 99 14.27 -14.28 7.22
CA ILE A 99 12.90 -14.53 6.77
C ILE A 99 11.93 -14.97 7.85
N PHE A 100 10.70 -15.17 7.42
CA PHE A 100 9.71 -15.58 8.38
C PHE A 100 9.46 -17.09 8.32
N SER A 101 9.46 -17.67 9.51
CA SER A 101 9.33 -19.10 9.72
C SER A 101 8.07 -19.63 9.12
N HIS A 102 8.15 -19.94 7.83
CA HIS A 102 6.99 -20.42 7.06
C HIS A 102 6.47 -21.76 7.61
N GLU A 103 7.37 -22.61 8.09
CA GLU A 103 6.95 -23.77 8.86
C GLU A 103 5.91 -23.33 9.86
N ASP A 104 6.32 -22.51 10.83
CA ASP A 104 5.43 -21.96 11.85
C ASP A 104 4.20 -21.27 11.25
N GLY A 105 4.44 -20.42 10.26
CA GLY A 105 3.36 -19.64 9.66
C GLY A 105 2.32 -20.49 9.02
N THR A 106 2.74 -21.36 8.10
CA THR A 106 1.83 -22.20 7.30
C THR A 106 1.09 -23.22 8.14
N ARG A 107 1.78 -23.72 9.18
CA ARG A 107 1.23 -24.68 10.12
C ARG A 107 0.15 -24.05 10.97
N LEU A 108 0.56 -23.07 11.81
CA LEU A 108 -0.43 -22.20 12.47
C LEU A 108 -1.73 -22.04 11.70
N GLY A 109 -1.68 -21.60 10.46
CA GLY A 109 -2.88 -21.51 9.66
C GLY A 109 -3.61 -22.83 9.42
N VAL A 110 -2.87 -23.89 9.10
CA VAL A 110 -3.48 -25.22 8.87
C VAL A 110 -4.10 -25.74 10.15
N GLU A 111 -3.26 -25.88 11.16
CA GLU A 111 -3.68 -26.35 12.46
C GLU A 111 -5.02 -25.75 12.86
N HIS A 112 -5.07 -24.42 12.91
CA HIS A 112 -6.26 -23.67 13.28
C HIS A 112 -7.46 -24.11 12.43
N LEU A 113 -7.35 -24.04 11.11
CA LEU A 113 -8.41 -24.59 10.27
C LEU A 113 -8.78 -26.01 10.72
N VAL A 114 -7.76 -26.84 10.84
CA VAL A 114 -7.94 -28.27 11.10
C VAL A 114 -8.70 -28.51 12.41
N ALA A 115 -8.27 -27.84 13.46
CA ALA A 115 -8.91 -27.94 14.78
C ALA A 115 -10.31 -27.31 14.77
N LEU A 116 -10.54 -26.48 13.75
CA LEU A 116 -11.76 -25.65 13.75
C LEU A 116 -12.89 -26.49 13.16
N GLY A 117 -12.50 -27.60 12.53
CA GLY A 117 -13.44 -28.58 11.98
C GLY A 117 -13.19 -28.99 10.53
N HIS A 118 -12.58 -28.09 9.74
CA HIS A 118 -12.59 -28.20 8.28
C HIS A 118 -11.79 -29.40 7.82
N GLN A 119 -12.21 -29.93 6.67
CA GLN A 119 -11.52 -31.00 5.99
C GLN A 119 -11.59 -30.77 4.48
N GLN A 120 -12.37 -29.78 4.06
CA GLN A 120 -12.42 -29.31 2.67
C GLN A 120 -11.84 -27.91 2.61
N ILE A 121 -10.56 -27.85 2.27
CA ILE A 121 -9.81 -26.59 2.26
C ILE A 121 -9.23 -26.33 0.88
N ALA A 122 -9.35 -25.10 0.42
CA ALA A 122 -8.70 -24.73 -0.82
C ALA A 122 -7.38 -24.02 -0.51
N LEU A 123 -6.47 -23.97 -1.47
CA LEU A 123 -5.26 -23.19 -1.30
C LEU A 123 -5.17 -22.11 -2.37
N LEU A 124 -5.05 -20.85 -1.97
CA LEU A 124 -4.77 -19.78 -2.91
C LEU A 124 -3.35 -19.39 -2.78
N ALA A 125 -2.62 -19.68 -3.84
CA ALA A 125 -1.17 -19.51 -3.88
C ALA A 125 -0.75 -18.08 -4.12
N GLY A 126 0.49 -17.79 -3.79
CA GLY A 126 1.10 -16.57 -4.27
C GLY A 126 1.51 -16.87 -5.70
N PRO A 127 2.15 -15.90 -6.37
CA PRO A 127 2.71 -16.19 -7.70
C PRO A 127 3.89 -17.12 -7.54
N LEU A 128 3.87 -18.16 -8.35
CA LEU A 128 4.79 -19.26 -8.23
C LEU A 128 6.24 -18.93 -8.55
N SER A 129 6.48 -17.74 -9.07
CA SER A 129 7.86 -17.33 -9.20
C SER A 129 8.41 -16.80 -7.87
N SER A 130 7.55 -16.22 -7.03
CA SER A 130 7.99 -15.79 -5.69
C SER A 130 8.21 -16.99 -4.82
N VAL A 131 9.48 -17.25 -4.53
CA VAL A 131 9.87 -18.32 -3.63
C VAL A 131 9.20 -18.17 -2.26
N SER A 132 8.90 -16.94 -1.87
CA SER A 132 8.19 -16.73 -0.61
C SER A 132 6.80 -17.33 -0.69
N ALA A 133 6.23 -17.32 -1.91
CA ALA A 133 4.92 -17.94 -2.19
C ALA A 133 5.04 -19.45 -2.21
N ARG A 134 6.15 -19.93 -2.77
CA ARG A 134 6.47 -21.34 -2.84
C ARG A 134 6.71 -21.93 -1.47
N LEU A 135 7.60 -21.30 -0.73
CA LEU A 135 7.90 -21.79 0.58
C LEU A 135 6.60 -22.04 1.37
N ARG A 136 5.62 -21.12 1.21
CA ARG A 136 4.30 -21.21 1.88
C ARG A 136 3.46 -22.38 1.47
N LEU A 137 3.23 -22.51 0.16
CA LEU A 137 2.37 -23.57 -0.37
C LEU A 137 2.79 -24.91 0.26
N ALA A 138 4.09 -25.19 0.12
CA ALA A 138 4.73 -26.39 0.62
C ALA A 138 4.55 -26.52 2.10
N GLY A 139 4.50 -25.39 2.81
CA GLY A 139 4.21 -25.40 4.23
C GLY A 139 2.80 -25.89 4.46
N TRP A 140 1.85 -25.19 3.85
CA TRP A 140 0.48 -25.64 3.85
C TRP A 140 0.45 -27.09 3.47
N HIS A 141 0.99 -27.42 2.29
CA HIS A 141 1.02 -28.80 1.81
C HIS A 141 1.46 -29.82 2.88
N LYS A 142 2.72 -29.74 3.34
CA LYS A 142 3.20 -30.69 4.35
C LYS A 142 2.32 -30.77 5.62
N TYR A 143 1.94 -29.63 6.22
CA TYR A 143 1.04 -29.73 7.41
C TYR A 143 -0.40 -30.22 7.16
N LEU A 144 -0.94 -29.78 6.03
CA LEU A 144 -2.25 -30.16 5.54
C LEU A 144 -2.21 -31.67 5.33
N THR A 145 -1.11 -32.13 4.73
CA THR A 145 -0.89 -33.54 4.58
C THR A 145 -0.73 -34.21 5.93
N ARG A 146 -0.04 -33.59 6.88
CA ARG A 146 0.23 -34.32 8.12
C ARG A 146 -1.06 -34.68 8.80
N ASN A 147 -2.12 -33.95 8.50
CA ASN A 147 -3.39 -34.28 9.12
C ASN A 147 -4.19 -35.24 8.28
N GLN A 148 -3.52 -35.69 7.23
CA GLN A 148 -4.10 -36.67 6.32
C GLN A 148 -5.16 -35.97 5.47
N ILE A 149 -4.84 -34.74 5.06
CA ILE A 149 -5.82 -33.84 4.42
C ILE A 149 -5.32 -33.44 3.04
N GLN A 150 -6.24 -33.46 2.09
CA GLN A 150 -5.95 -32.99 0.77
C GLN A 150 -6.82 -31.78 0.52
N PRO A 151 -6.27 -30.79 -0.20
CA PRO A 151 -7.06 -29.58 -0.47
C PRO A 151 -8.13 -29.91 -1.50
N ILE A 152 -9.20 -29.15 -1.57
CA ILE A 152 -10.14 -29.39 -2.67
C ILE A 152 -9.59 -28.82 -3.97
N ALA A 153 -9.16 -27.59 -3.88
CA ALA A 153 -8.68 -26.91 -5.04
C ALA A 153 -7.39 -26.22 -4.69
N GLU A 154 -6.59 -25.92 -5.72
CA GLU A 154 -5.31 -25.23 -5.61
C GLU A 154 -5.21 -24.23 -6.76
N ARG A 155 -5.07 -22.95 -6.43
CA ARG A 155 -5.03 -21.94 -7.48
C ARG A 155 -3.83 -21.01 -7.34
N GLU A 156 -3.39 -20.41 -8.45
CA GLU A 156 -2.22 -19.52 -8.40
C GLU A 156 -2.57 -18.09 -7.97
N GLY A 157 -2.31 -17.07 -8.78
CA GLY A 157 -2.55 -15.70 -8.30
C GLY A 157 -1.30 -14.84 -8.24
N ASP A 158 -1.50 -13.53 -8.24
CA ASP A 158 -0.40 -12.58 -8.43
C ASP A 158 -0.15 -11.69 -7.24
N TRP A 159 -0.67 -12.11 -6.08
CA TRP A 159 -0.68 -11.33 -4.85
C TRP A 159 -1.75 -10.23 -4.85
N SER A 160 -2.20 -9.78 -6.02
CA SER A 160 -3.07 -8.62 -6.03
C SER A 160 -4.49 -8.97 -5.63
N ALA A 161 -5.19 -7.98 -5.08
CA ALA A 161 -6.59 -8.07 -4.69
C ALA A 161 -7.46 -8.61 -5.83
N MET A 162 -7.35 -7.99 -7.02
CA MET A 162 -8.20 -8.41 -8.16
C MET A 162 -8.10 -9.89 -8.54
N SER A 163 -6.93 -10.49 -8.30
CA SER A 163 -6.70 -11.90 -8.60
C SER A 163 -7.35 -12.75 -7.54
N GLY A 164 -7.15 -12.39 -6.28
CA GLY A 164 -7.94 -13.00 -5.22
C GLY A 164 -9.40 -13.10 -5.63
N PHE A 165 -9.87 -12.13 -6.40
CA PHE A 165 -11.23 -12.18 -6.88
C PHE A 165 -11.32 -13.05 -8.10
N GLN A 166 -10.54 -12.73 -9.12
CA GLN A 166 -10.58 -13.45 -10.39
C GLN A 166 -10.50 -14.98 -10.21
N GLN A 167 -9.86 -15.41 -9.13
CA GLN A 167 -9.47 -16.80 -8.96
C GLN A 167 -10.39 -17.58 -8.03
N THR A 168 -10.78 -16.97 -6.92
CA THR A 168 -11.83 -17.52 -6.05
C THR A 168 -13.10 -17.71 -6.88
N MET A 169 -13.30 -16.87 -7.90
CA MET A 169 -14.43 -16.99 -8.80
C MET A 169 -14.24 -18.15 -9.77
N GLN A 170 -13.12 -18.14 -10.52
CA GLN A 170 -12.83 -19.25 -11.43
C GLN A 170 -12.96 -20.59 -10.68
N MET A 171 -12.48 -20.66 -9.44
CA MET A 171 -12.77 -21.81 -8.59
C MET A 171 -14.29 -22.00 -8.44
N LEU A 172 -14.93 -21.18 -7.62
CA LEU A 172 -16.34 -21.39 -7.34
C LEU A 172 -17.15 -21.75 -8.58
N ASN A 173 -17.05 -20.96 -9.65
CA ASN A 173 -17.77 -21.23 -10.90
C ASN A 173 -17.60 -22.65 -11.48
N GLU A 174 -16.59 -23.38 -10.96
CA GLU A 174 -16.34 -24.75 -11.38
C GLU A 174 -17.27 -25.67 -10.65
N GLY A 175 -17.58 -25.28 -9.43
CA GLY A 175 -18.45 -26.07 -8.60
C GLY A 175 -17.59 -26.58 -7.48
N ILE A 176 -16.61 -25.78 -7.05
CA ILE A 176 -15.76 -26.12 -5.91
C ILE A 176 -16.04 -25.15 -4.79
N VAL A 177 -16.79 -25.59 -3.77
CA VAL A 177 -17.06 -24.77 -2.59
C VAL A 177 -16.39 -25.40 -1.38
N PRO A 178 -15.25 -24.84 -0.93
CA PRO A 178 -14.54 -25.20 0.29
C PRO A 178 -15.20 -24.62 1.49
N THR A 179 -14.94 -25.16 2.65
CA THR A 179 -15.53 -24.55 3.84
C THR A 179 -14.62 -23.50 4.42
N ALA A 180 -13.39 -23.44 3.93
CA ALA A 180 -12.42 -22.49 4.42
C ALA A 180 -11.26 -22.50 3.48
N MET A 181 -10.81 -21.32 3.07
CA MET A 181 -9.73 -21.18 2.08
C MET A 181 -8.42 -20.75 2.74
N LEU A 182 -7.27 -21.27 2.28
CA LEU A 182 -5.97 -20.75 2.71
C LEU A 182 -5.41 -19.83 1.64
N VAL A 183 -5.10 -18.60 2.02
CA VAL A 183 -4.80 -17.59 1.03
C VAL A 183 -3.44 -16.94 1.26
N ALA A 184 -2.64 -16.89 0.19
CA ALA A 184 -1.24 -16.47 0.28
C ALA A 184 -1.00 -15.16 1.04
N ASN A 185 -1.72 -14.10 0.69
CA ASN A 185 -1.59 -12.86 1.45
C ASN A 185 -2.96 -12.17 1.58
N ASP A 186 -3.02 -11.04 2.30
CA ASP A 186 -4.33 -10.42 2.60
C ASP A 186 -4.84 -9.65 1.41
N GLN A 187 -3.94 -8.98 0.70
CA GLN A 187 -4.35 -8.25 -0.47
C GLN A 187 -5.16 -9.17 -1.35
N MET A 188 -4.73 -10.42 -1.41
CA MET A 188 -5.44 -11.40 -2.18
C MET A 188 -6.71 -11.82 -1.43
N ALA A 189 -6.55 -12.08 -0.13
CA ALA A 189 -7.64 -12.61 0.70
C ALA A 189 -8.82 -11.69 0.60
N LEU A 190 -8.55 -10.42 0.29
CA LEU A 190 -9.66 -9.50 0.07
C LEU A 190 -10.56 -9.94 -1.09
N GLY A 191 -10.02 -9.91 -2.31
CA GLY A 191 -10.75 -10.37 -3.51
C GLY A 191 -11.29 -11.78 -3.32
N ALA A 192 -10.62 -12.52 -2.44
CA ALA A 192 -11.04 -13.84 -2.07
C ALA A 192 -12.39 -13.71 -1.44
N MET A 193 -12.46 -12.86 -0.42
CA MET A 193 -13.66 -12.68 0.40
C MET A 193 -14.83 -12.13 -0.39
N ARG A 194 -14.54 -11.18 -1.26
CA ARG A 194 -15.58 -10.55 -2.06
C ARG A 194 -16.11 -11.54 -3.07
N ALA A 195 -15.28 -12.48 -3.48
CA ALA A 195 -15.75 -13.44 -4.44
C ALA A 195 -16.77 -14.32 -3.77
N ILE A 196 -16.41 -14.88 -2.59
CA ILE A 196 -17.38 -15.58 -1.72
C ILE A 196 -18.67 -14.78 -1.60
N THR A 197 -18.50 -13.60 -1.01
CA THR A 197 -19.59 -12.71 -0.75
C THR A 197 -20.54 -12.64 -1.92
N GLU A 198 -20.03 -12.30 -3.10
CA GLU A 198 -20.89 -12.10 -4.26
C GLU A 198 -21.55 -13.38 -4.80
N SER A 199 -20.83 -14.51 -4.79
CA SER A 199 -21.42 -15.76 -5.29
C SER A 199 -22.41 -16.34 -4.27
N GLY A 200 -22.79 -15.46 -3.34
CA GLY A 200 -23.96 -15.61 -2.47
C GLY A 200 -23.66 -15.96 -1.02
N LEU A 201 -22.41 -16.27 -0.74
CA LEU A 201 -22.09 -16.92 0.49
C LEU A 201 -21.55 -15.94 1.51
N ARG A 202 -21.70 -16.33 2.78
CA ARG A 202 -21.30 -15.58 3.97
C ARG A 202 -19.84 -15.87 4.22
N VAL A 203 -19.05 -14.81 4.42
CA VAL A 203 -17.61 -14.96 4.65
C VAL A 203 -17.43 -15.52 6.06
N GLY A 204 -16.42 -16.37 6.26
CA GLY A 204 -16.29 -17.06 7.55
C GLY A 204 -17.27 -18.21 7.66
N ALA A 205 -18.53 -17.88 8.01
CA ALA A 205 -19.59 -18.85 8.26
C ALA A 205 -19.78 -19.93 7.21
N ASP A 206 -19.49 -19.63 5.95
CA ASP A 206 -19.72 -20.63 4.91
C ASP A 206 -18.42 -21.03 4.32
N ILE A 207 -17.56 -20.05 4.17
CA ILE A 207 -16.20 -20.28 3.74
C ILE A 207 -15.34 -19.38 4.58
N SER A 208 -14.58 -19.98 5.49
CA SER A 208 -13.69 -19.18 6.29
C SER A 208 -12.42 -18.99 5.51
N VAL A 209 -11.85 -17.79 5.62
CA VAL A 209 -10.66 -17.43 4.88
C VAL A 209 -9.56 -17.14 5.87
N VAL A 210 -8.36 -17.66 5.64
CA VAL A 210 -7.20 -17.34 6.50
C VAL A 210 -6.12 -16.64 5.71
N GLY A 211 -5.84 -15.40 6.09
CA GLY A 211 -4.86 -14.59 5.42
C GLY A 211 -3.42 -14.98 5.69
N TYR A 212 -2.50 -14.11 5.27
CA TYR A 212 -1.07 -14.28 5.58
C TYR A 212 -0.41 -12.92 5.45
N ASP A 213 -0.23 -12.22 6.56
CA ASP A 213 0.51 -10.95 6.61
C ASP A 213 0.16 -10.05 7.78
N ASP A 214 -1.15 -9.79 7.97
CA ASP A 214 -1.61 -8.66 8.79
C ASP A 214 -0.87 -7.38 8.36
N THR A 215 -1.20 -6.98 7.13
CA THR A 215 -0.99 -5.62 6.65
C THR A 215 -1.96 -4.67 7.41
N GLU A 216 -1.57 -3.41 7.53
CA GLU A 216 -2.34 -2.42 8.28
C GLU A 216 -3.87 -2.56 7.96
N ASP A 217 -4.21 -2.55 6.66
CA ASP A 217 -5.59 -2.58 6.16
C ASP A 217 -6.55 -3.66 6.74
N SER A 218 -5.97 -4.79 7.14
CA SER A 218 -6.67 -6.07 7.36
C SER A 218 -7.72 -6.10 8.46
N SER A 219 -7.46 -5.38 9.56
CA SER A 219 -8.37 -5.32 10.70
C SER A 219 -9.67 -4.66 10.26
N CYS A 220 -9.64 -3.95 9.14
CA CYS A 220 -10.86 -3.32 8.67
C CYS A 220 -11.51 -3.93 7.43
N TYR A 221 -11.15 -5.17 7.07
CA TYR A 221 -11.96 -5.87 6.05
C TYR A 221 -13.34 -6.16 6.66
N ILE A 222 -14.29 -6.50 5.78
CA ILE A 222 -15.64 -6.88 6.19
C ILE A 222 -15.89 -8.35 5.92
N PRO A 223 -15.69 -9.21 6.93
CA PRO A 223 -15.26 -8.92 8.32
C PRO A 223 -13.74 -8.89 8.56
N PRO A 224 -13.33 -8.31 9.68
CA PRO A 224 -11.96 -8.40 10.13
C PRO A 224 -11.38 -9.76 9.85
N LEU A 225 -10.23 -9.75 9.17
CA LEU A 225 -9.68 -10.92 8.50
C LEU A 225 -8.76 -11.76 9.38
N THR A 226 -9.17 -12.99 9.65
CA THR A 226 -8.31 -13.85 10.45
C THR A 226 -7.10 -14.24 9.64
N THR A 227 -5.92 -13.86 10.15
CA THR A 227 -4.68 -13.95 9.40
C THR A 227 -3.50 -14.27 10.29
N ILE A 228 -2.41 -14.68 9.64
CA ILE A 228 -1.10 -14.84 10.24
C ILE A 228 -0.31 -13.52 10.19
N LYS A 229 0.26 -13.09 11.31
CA LYS A 229 0.90 -11.80 11.39
C LYS A 229 2.40 -11.89 11.24
N GLN A 230 2.93 -11.38 10.14
CA GLN A 230 4.36 -11.19 10.07
C GLN A 230 4.63 -9.80 10.62
N ASP A 231 5.23 -9.72 11.79
CA ASP A 231 5.54 -8.40 12.45
C ASP A 231 6.58 -7.61 11.63
N PHE A 232 6.10 -6.87 10.63
CA PHE A 232 7.03 -6.17 9.71
C PHE A 232 7.91 -5.15 10.46
N ARG A 233 7.33 -4.50 11.46
CA ARG A 233 8.04 -3.52 12.27
C ARG A 233 9.37 -4.12 12.63
N LEU A 234 9.29 -5.29 13.27
CA LEU A 234 10.42 -6.07 13.71
C LEU A 234 11.44 -6.37 12.62
N LEU A 235 10.97 -6.72 11.43
CA LEU A 235 11.87 -7.02 10.32
C LEU A 235 12.72 -5.82 10.00
N GLY A 236 12.12 -4.63 10.01
CA GLY A 236 12.87 -3.39 9.88
C GLY A 236 13.92 -3.28 10.96
N GLN A 237 13.46 -3.23 12.22
CA GLN A 237 14.31 -3.17 13.40
C GLN A 237 15.41 -4.20 13.36
N THR A 238 15.06 -5.41 12.88
CA THR A 238 16.03 -6.46 12.97
C THR A 238 17.05 -6.32 11.86
N SER A 239 16.57 -6.13 10.63
CA SER A 239 17.41 -6.06 9.43
C SER A 239 18.28 -4.80 9.37
N VAL A 240 17.70 -3.65 9.74
CA VAL A 240 18.49 -2.42 9.78
C VAL A 240 19.56 -2.56 10.83
N ASP A 241 19.16 -3.06 11.99
CA ASP A 241 20.08 -3.19 13.09
C ASP A 241 21.18 -4.18 12.68
N ARG A 242 20.78 -5.30 12.10
CA ARG A 242 21.71 -6.32 11.67
C ARG A 242 22.64 -5.83 10.59
N LEU A 243 22.14 -4.94 9.72
CA LEU A 243 22.94 -4.42 8.62
C LEU A 243 24.11 -3.58 9.13
N LEU A 244 23.89 -2.65 10.07
CA LEU A 244 25.05 -2.04 10.71
C LEU A 244 25.93 -3.14 11.34
N GLN A 245 25.46 -3.79 12.41
CA GLN A 245 26.16 -4.92 13.05
C GLN A 245 27.00 -5.70 12.01
N LEU A 246 26.45 -5.87 10.80
CA LEU A 246 27.14 -6.52 9.68
C LEU A 246 28.34 -5.73 9.14
N SER A 247 28.10 -4.51 8.65
CA SER A 247 29.17 -3.62 8.20
C SER A 247 30.04 -3.11 9.37
N GLN A 248 30.74 -4.06 9.97
CA GLN A 248 31.74 -3.88 11.03
C GLN A 248 32.13 -5.28 11.57
N GLY A 249 32.16 -6.27 10.65
CA GLY A 249 32.59 -7.67 10.93
C GLY A 249 31.87 -8.43 12.04
N GLN A 250 31.57 -7.71 13.13
CA GLN A 250 31.08 -8.29 14.39
C GLN A 250 29.61 -8.65 14.28
N ALA A 251 29.32 -9.61 13.37
CA ALA A 251 27.94 -10.00 13.07
C ALA A 251 27.67 -11.50 12.80
N VAL A 252 26.46 -11.93 13.18
CA VAL A 252 25.94 -13.28 12.87
C VAL A 252 25.94 -13.54 11.34
N LYS A 253 26.12 -14.81 10.93
CA LYS A 253 26.32 -15.08 9.48
C LYS A 253 25.15 -15.58 8.63
N GLY A 254 24.69 -16.82 8.80
CA GLY A 254 23.80 -17.49 7.80
C GLY A 254 22.38 -16.97 7.58
N ASN A 255 21.40 -17.85 7.54
CA ASN A 255 20.01 -17.40 7.62
C ASN A 255 19.62 -17.21 9.09
N GLN A 256 18.82 -16.17 9.36
CA GLN A 256 18.48 -15.84 10.73
C GLN A 256 16.99 -15.64 10.77
N LEU A 257 16.23 -16.72 10.90
CA LEU A 257 14.74 -16.59 10.82
C LEU A 257 14.05 -16.22 12.09
N LEU A 258 12.91 -15.50 11.93
CA LEU A 258 12.13 -14.94 13.05
C LEU A 258 10.63 -15.23 12.95
N PRO A 259 9.92 -15.12 14.07
CA PRO A 259 8.64 -15.81 14.22
C PRO A 259 7.42 -15.04 13.70
N VAL A 260 6.28 -15.75 13.67
CA VAL A 260 4.98 -15.18 13.29
C VAL A 260 3.92 -15.72 14.23
N SER A 261 2.67 -15.28 14.06
CA SER A 261 1.58 -15.65 14.95
C SER A 261 0.23 -15.67 14.24
N LEU A 262 -0.72 -16.49 14.69
CA LEU A 262 -2.08 -16.46 14.15
C LEU A 262 -2.93 -15.48 14.92
N VAL A 263 -3.45 -14.47 14.22
CA VAL A 263 -4.41 -13.51 14.81
C VAL A 263 -5.84 -13.95 14.50
N LYS A 264 -6.62 -14.12 15.56
CA LYS A 264 -7.95 -14.62 15.36
C LYS A 264 -8.92 -13.46 15.26
N ARG A 265 -9.42 -13.26 14.05
CA ARG A 265 -10.43 -12.27 13.82
C ARG A 265 -11.79 -12.94 13.53
N LYS A 266 -12.57 -12.39 12.59
CA LYS A 266 -13.94 -12.84 12.34
C LYS A 266 -14.12 -13.45 10.94
N THR A 267 -13.07 -14.10 10.47
CA THR A 267 -13.13 -14.77 9.18
C THR A 267 -13.02 -16.27 9.40
N THR A 268 -12.67 -16.62 10.63
CA THR A 268 -12.84 -17.97 11.12
C THR A 268 -13.77 -17.91 12.35
N LEU A 269 -14.92 -17.21 12.20
CA LEU A 269 -16.00 -17.21 13.18
C LEU A 269 -16.74 -18.52 12.97
N LEU B 1 17.08 11.59 -16.38
CA LEU B 1 18.14 10.55 -16.09
C LEU B 1 18.00 9.93 -14.70
N LEU B 2 18.36 10.64 -13.63
CA LEU B 2 18.08 10.09 -12.30
C LEU B 2 17.12 10.97 -11.61
N ILE B 3 15.99 10.38 -11.20
CA ILE B 3 14.91 11.11 -10.55
C ILE B 3 14.78 10.75 -9.08
N GLY B 4 14.74 11.80 -8.25
CA GLY B 4 14.53 11.66 -6.82
C GLY B 4 13.09 11.94 -6.52
N VAL B 5 12.44 11.01 -5.82
CA VAL B 5 11.09 11.23 -5.37
C VAL B 5 10.98 11.20 -3.85
N ALA B 6 10.71 12.39 -3.29
CA ALA B 6 10.48 12.56 -1.85
C ALA B 6 9.00 12.42 -1.61
N THR B 7 8.60 11.46 -0.77
CA THR B 7 7.19 11.11 -0.66
C THR B 7 6.71 10.76 0.73
N SER B 8 5.69 11.49 1.18
CA SER B 8 5.01 11.23 2.47
C SER B 8 4.82 9.73 2.73
N SER B 9 5.08 9.31 3.97
CA SER B 9 5.20 7.88 4.34
C SER B 9 4.47 6.93 3.39
N LEU B 10 5.18 5.87 2.96
CA LEU B 10 4.67 5.01 1.89
C LEU B 10 3.70 3.96 2.41
N ALA B 11 3.37 4.06 3.70
CA ALA B 11 2.36 3.22 4.35
C ALA B 11 1.02 3.29 3.59
N LEU B 12 0.41 4.48 3.56
CA LEU B 12 -0.81 4.72 2.79
C LEU B 12 -0.55 4.34 1.35
N HIS B 13 -1.58 3.74 0.78
CA HIS B 13 -1.54 3.13 -0.53
C HIS B 13 -1.37 4.13 -1.67
N ALA B 14 -1.97 5.30 -1.52
CA ALA B 14 -1.89 6.28 -2.58
C ALA B 14 -0.45 6.70 -2.96
N PRO B 15 0.35 7.21 -2.02
CA PRO B 15 1.62 7.69 -2.60
C PRO B 15 2.53 6.53 -2.91
N SER B 16 2.31 5.41 -2.25
CA SER B 16 2.96 4.16 -2.59
C SER B 16 2.59 3.76 -4.02
N GLN B 17 1.47 4.26 -4.51
CA GLN B 17 1.03 3.96 -5.87
C GLN B 17 1.61 4.95 -6.84
N ILE B 18 1.71 6.22 -6.42
CA ILE B 18 2.35 7.29 -7.20
C ILE B 18 3.79 6.92 -7.53
N VAL B 19 4.47 6.38 -6.51
CA VAL B 19 5.86 6.00 -6.58
C VAL B 19 5.98 4.86 -7.59
N ALA B 20 5.08 3.90 -7.46
CA ALA B 20 5.05 2.77 -8.35
C ALA B 20 4.94 3.28 -9.77
N ALA B 21 4.13 4.32 -9.94
CA ALA B 21 3.77 4.84 -11.25
C ALA B 21 4.80 5.82 -11.77
N ILE B 22 5.42 6.61 -10.89
CA ILE B 22 6.50 7.45 -11.37
C ILE B 22 7.56 6.59 -12.02
N LYS B 23 7.88 5.49 -11.36
CA LYS B 23 8.85 4.53 -11.87
C LYS B 23 8.44 4.00 -13.24
N SER B 24 7.22 3.51 -13.37
CA SER B 24 6.84 2.78 -14.58
C SER B 24 7.01 3.63 -15.82
N ARG B 25 7.11 4.95 -15.61
CA ARG B 25 7.20 5.85 -16.75
C ARG B 25 8.63 6.21 -17.01
N ALA B 26 9.41 6.33 -15.94
CA ALA B 26 10.84 6.58 -16.09
C ALA B 26 11.53 5.34 -16.67
N ASP B 27 11.00 4.17 -16.32
CA ASP B 27 11.36 2.91 -16.96
C ASP B 27 11.01 2.94 -18.43
N GLN B 28 9.87 3.50 -18.77
CA GLN B 28 9.43 3.52 -20.15
C GLN B 28 10.40 4.27 -21.05
N LEU B 29 11.43 4.85 -20.44
CA LEU B 29 12.46 5.55 -21.19
C LEU B 29 13.78 5.61 -20.46
N GLY B 30 14.12 4.51 -19.76
CA GLY B 30 15.48 4.26 -19.26
C GLY B 30 16.08 5.30 -18.30
N ALA B 31 15.22 6.11 -17.66
CA ALA B 31 15.70 6.98 -16.59
C ALA B 31 15.66 6.15 -15.30
N SER B 32 16.26 6.65 -14.23
CA SER B 32 16.38 5.87 -13.01
C SER B 32 15.71 6.59 -11.84
N VAL B 33 14.90 5.88 -11.06
CA VAL B 33 14.29 6.48 -9.87
C VAL B 33 14.85 5.98 -8.53
N VAL B 34 15.08 6.93 -7.63
CA VAL B 34 15.46 6.59 -6.27
C VAL B 34 14.50 7.32 -5.38
N VAL B 35 13.73 6.56 -4.62
CA VAL B 35 12.75 7.15 -3.77
C VAL B 35 13.32 7.34 -2.42
N SER B 36 13.07 8.52 -1.86
CA SER B 36 13.29 8.79 -0.43
C SER B 36 11.99 9.20 0.22
N MET B 37 11.67 8.61 1.36
CA MET B 37 10.43 8.96 2.01
C MET B 37 10.65 9.81 3.29
N VAL B 38 9.63 10.58 3.65
CA VAL B 38 9.76 11.56 4.72
C VAL B 38 9.35 10.96 6.07
N GLU B 39 9.95 11.54 7.13
CA GLU B 39 9.76 11.13 8.54
C GLU B 39 8.28 10.88 8.94
N ARG B 40 7.51 11.97 9.03
CA ARG B 40 6.11 11.95 9.36
C ARG B 40 5.65 13.25 8.75
N SER B 41 5.58 14.26 9.60
CA SER B 41 5.03 15.55 9.26
C SER B 41 5.87 16.65 9.89
N GLY B 42 5.77 17.82 9.26
CA GLY B 42 6.70 18.96 9.39
C GLY B 42 7.23 19.35 8.01
N VAL B 43 7.65 20.60 7.86
CA VAL B 43 8.35 20.96 6.65
C VAL B 43 9.78 20.52 6.82
N GLU B 44 10.35 20.73 8.00
CA GLU B 44 11.74 20.33 8.21
C GLU B 44 11.89 18.88 7.73
N ALA B 45 10.89 18.07 8.04
CA ALA B 45 10.82 16.70 7.55
C ALA B 45 11.22 16.61 6.07
N CYS B 46 10.40 17.22 5.22
CA CYS B 46 10.52 17.08 3.77
C CYS B 46 11.86 17.58 3.27
N LYS B 47 12.38 18.60 3.92
CA LYS B 47 13.67 19.13 3.52
C LYS B 47 14.79 18.16 3.83
N ALA B 48 14.77 17.59 5.06
CA ALA B 48 15.81 16.69 5.54
C ALA B 48 16.07 15.57 4.54
N ALA B 49 14.97 15.24 3.89
CA ALA B 49 15.04 14.15 2.93
C ALA B 49 15.29 14.67 1.52
N VAL B 50 14.73 15.78 1.18
CA VAL B 50 15.09 16.47 -0.05
C VAL B 50 16.63 16.57 -0.13
N HIS B 51 17.23 16.71 1.04
CA HIS B 51 18.68 16.77 1.15
C HIS B 51 19.27 15.42 0.93
N ASN B 52 18.94 14.49 1.84
CA ASN B 52 19.27 13.09 1.61
C ASN B 52 19.19 12.79 0.09
N LEU B 53 18.26 13.43 -0.62
CA LEU B 53 18.11 13.13 -2.06
C LEU B 53 19.06 13.87 -2.95
N LEU B 54 19.32 15.12 -2.63
CA LEU B 54 20.14 15.96 -3.49
C LEU B 54 21.59 15.53 -3.40
N ALA B 55 21.86 14.85 -2.29
CA ALA B 55 23.14 14.23 -2.04
C ALA B 55 23.48 13.05 -2.97
N GLN B 56 22.50 12.55 -3.72
CA GLN B 56 22.74 11.47 -4.67
C GLN B 56 22.84 12.05 -6.09
N ARG B 57 22.97 13.38 -6.09
CA ARG B 57 22.90 14.23 -7.27
C ARG B 57 21.90 13.74 -8.31
N VAL B 58 20.65 13.62 -7.87
CA VAL B 58 19.54 13.35 -8.75
C VAL B 58 19.39 14.49 -9.77
N SER B 59 19.12 14.12 -11.01
CA SER B 59 19.09 15.11 -12.07
C SER B 59 17.78 15.88 -12.01
N GLY B 60 16.96 15.56 -11.01
CA GLY B 60 15.68 16.24 -10.85
C GLY B 60 14.68 15.66 -9.85
N LEU B 61 14.01 16.55 -9.09
CA LEU B 61 13.14 16.13 -7.99
C LEU B 61 11.66 16.10 -8.28
N ILE B 62 10.96 15.20 -7.59
CA ILE B 62 9.50 15.20 -7.57
C ILE B 62 9.04 15.11 -6.15
N ILE B 63 8.37 16.17 -5.70
CA ILE B 63 8.03 16.35 -4.31
C ILE B 63 6.57 16.06 -4.08
N ASN B 64 6.31 14.82 -3.68
CA ASN B 64 4.97 14.39 -3.36
C ASN B 64 4.82 14.28 -1.85
N TYR B 65 4.61 15.43 -1.24
CA TYR B 65 4.56 15.56 0.19
C TYR B 65 3.75 16.80 0.52
N PRO B 66 2.56 16.61 1.14
CA PRO B 66 1.70 17.69 1.61
C PRO B 66 2.49 18.85 2.22
N LEU B 67 2.26 20.05 1.70
CA LEU B 67 2.95 21.26 2.12
C LEU B 67 2.07 22.49 1.93
N ASP B 68 1.94 23.31 2.96
CA ASP B 68 1.22 24.56 2.78
C ASP B 68 2.02 25.58 1.97
N ASP B 69 1.29 26.41 1.20
CA ASP B 69 1.84 27.60 0.52
C ASP B 69 3.25 28.07 0.96
N GLN B 70 3.40 28.36 2.26
CA GLN B 70 4.64 28.92 2.80
C GLN B 70 5.76 27.89 2.70
N ASP B 71 5.67 26.81 3.50
CA ASP B 71 6.65 25.73 3.57
C ASP B 71 7.12 25.31 2.19
N ALA B 72 6.13 24.88 1.40
CA ALA B 72 6.30 24.48 0.01
C ALA B 72 7.28 25.37 -0.74
N ILE B 73 7.11 26.68 -0.60
CA ILE B 73 8.00 27.63 -1.21
C ILE B 73 9.44 27.48 -0.71
N ALA B 74 9.60 27.25 0.59
CA ALA B 74 10.94 27.14 1.16
C ALA B 74 11.65 25.87 0.67
N VAL B 75 10.91 24.76 0.64
CA VAL B 75 11.41 23.52 0.02
C VAL B 75 11.98 23.71 -1.41
N GLU B 76 11.29 24.48 -2.26
CA GLU B 76 11.76 24.79 -3.61
C GLU B 76 12.98 25.68 -3.52
N ALA B 77 12.87 26.66 -2.65
CA ALA B 77 14.02 27.46 -2.28
C ALA B 77 15.19 26.52 -2.02
N ALA B 78 14.94 25.49 -1.23
CA ALA B 78 15.98 24.53 -0.93
C ALA B 78 16.29 23.58 -2.09
N CYS B 79 15.34 23.44 -3.02
CA CYS B 79 15.46 22.47 -4.11
C CYS B 79 16.59 22.79 -5.08
N THR B 80 17.20 23.97 -4.91
CA THR B 80 18.59 24.17 -5.32
C THR B 80 18.81 24.02 -6.82
N ASN B 81 18.31 24.97 -7.60
CA ASN B 81 18.74 25.08 -9.00
C ASN B 81 18.75 23.74 -9.79
N VAL B 82 17.70 22.95 -9.52
CA VAL B 82 17.52 21.59 -10.06
C VAL B 82 16.02 21.39 -10.19
N PRO B 83 15.58 20.87 -11.36
CA PRO B 83 14.15 20.74 -11.67
C PRO B 83 13.38 20.05 -10.53
N ALA B 84 12.25 20.66 -10.15
CA ALA B 84 11.56 20.27 -8.93
C ALA B 84 10.05 20.42 -9.09
N LEU B 85 9.36 19.28 -9.02
CA LEU B 85 7.95 19.20 -9.32
C LEU B 85 7.18 18.74 -8.12
N PHE B 86 6.27 19.58 -7.64
CA PHE B 86 5.46 19.31 -6.46
C PHE B 86 4.16 18.64 -6.81
N LEU B 87 3.77 17.64 -6.04
CA LEU B 87 2.60 16.88 -6.40
C LEU B 87 1.45 17.02 -5.40
N ASP B 88 1.75 17.51 -4.18
CA ASP B 88 0.77 17.60 -3.08
C ASP B 88 0.82 18.98 -2.41
N VAL B 89 0.49 20.01 -3.18
CA VAL B 89 0.30 21.39 -2.70
C VAL B 89 -0.97 21.97 -3.31
N SER B 90 -1.28 23.22 -2.99
CA SER B 90 -2.42 23.88 -3.64
C SER B 90 -1.98 24.57 -4.91
N ASP B 91 -2.93 24.76 -5.82
CA ASP B 91 -2.59 25.31 -7.09
C ASP B 91 -2.37 26.78 -6.93
N GLN B 92 -2.89 27.33 -5.84
CA GLN B 92 -2.71 28.75 -5.61
C GLN B 92 -1.27 28.99 -5.20
N THR B 93 -0.62 27.95 -4.69
CA THR B 93 0.83 27.99 -4.40
C THR B 93 1.58 28.11 -5.72
N PRO B 94 2.43 29.13 -5.80
CA PRO B 94 3.00 29.66 -7.03
C PRO B 94 4.40 29.10 -7.28
N ILE B 95 4.42 27.85 -7.72
CA ILE B 95 5.66 27.18 -7.98
C ILE B 95 5.41 26.19 -9.10
N ASN B 96 6.01 25.00 -8.95
CA ASN B 96 5.95 24.00 -9.98
C ASN B 96 5.23 22.77 -9.50
N SER B 97 3.94 22.71 -9.78
CA SER B 97 3.06 21.68 -9.25
C SER B 97 2.26 21.01 -10.34
N ILE B 98 1.83 19.78 -10.07
CA ILE B 98 0.79 19.16 -10.83
C ILE B 98 -0.12 18.47 -9.83
N ILE B 99 -1.31 19.01 -9.58
CA ILE B 99 -2.21 18.48 -8.56
C ILE B 99 -3.58 18.17 -9.16
N PHE B 100 -4.27 17.16 -8.63
CA PHE B 100 -5.61 16.81 -9.15
C PHE B 100 -6.65 17.88 -8.80
N SER B 101 -7.72 17.93 -9.56
CA SER B 101 -8.69 19.02 -9.42
C SER B 101 -9.63 18.82 -8.24
N HIS B 102 -9.25 19.47 -7.14
CA HIS B 102 -9.98 19.47 -5.88
C HIS B 102 -11.36 20.08 -6.02
N GLU B 103 -11.48 21.08 -6.90
CA GLU B 103 -12.79 21.71 -7.18
C GLU B 103 -13.70 20.68 -7.84
N ASP B 104 -13.12 19.87 -8.71
CA ASP B 104 -13.87 18.90 -9.49
C ASP B 104 -14.21 17.64 -8.71
N GLY B 105 -13.20 17.10 -8.04
CA GLY B 105 -13.40 15.96 -7.15
C GLY B 105 -14.50 16.17 -6.11
N THR B 106 -14.59 17.41 -5.60
CA THR B 106 -15.54 17.69 -4.53
C THR B 106 -16.95 17.97 -5.04
N ARG B 107 -17.07 18.71 -6.15
CA ARG B 107 -18.34 18.87 -6.84
C ARG B 107 -18.95 17.47 -7.10
N LEU B 108 -18.27 16.66 -7.90
CA LEU B 108 -18.81 15.37 -8.32
C LEU B 108 -19.39 14.53 -7.16
N GLY B 109 -18.72 14.56 -6.02
CA GLY B 109 -19.26 13.88 -4.85
C GLY B 109 -20.62 14.41 -4.39
N VAL B 110 -20.66 15.70 -4.09
CA VAL B 110 -21.87 16.38 -3.66
C VAL B 110 -22.91 16.30 -4.74
N GLU B 111 -22.48 16.67 -5.94
CA GLU B 111 -23.25 16.61 -7.17
C GLU B 111 -24.06 15.33 -7.35
N HIS B 112 -23.34 14.23 -7.32
CA HIS B 112 -23.91 12.92 -7.48
C HIS B 112 -24.89 12.62 -6.34
N LEU B 113 -24.46 12.92 -5.12
CA LEU B 113 -25.21 12.60 -3.94
C LEU B 113 -26.48 13.42 -3.77
N VAL B 114 -26.36 14.73 -4.00
CA VAL B 114 -27.54 15.63 -4.04
C VAL B 114 -28.60 15.14 -5.01
N ALA B 115 -28.15 14.78 -6.22
CA ALA B 115 -29.05 14.27 -7.24
C ALA B 115 -29.53 12.86 -6.93
N LEU B 116 -28.96 12.26 -5.88
CA LEU B 116 -29.40 10.94 -5.52
C LEU B 116 -30.54 10.98 -4.56
N GLY B 117 -30.73 12.14 -3.97
CA GLY B 117 -31.87 12.39 -3.11
C GLY B 117 -31.47 12.57 -1.65
N HIS B 118 -30.15 12.65 -1.45
CA HIS B 118 -29.61 12.63 -0.10
C HIS B 118 -29.68 14.00 0.54
N GLN B 119 -29.78 14.02 1.87
CA GLN B 119 -29.82 15.28 2.60
C GLN B 119 -28.82 15.31 3.74
N GLN B 120 -28.69 14.16 4.38
CA GLN B 120 -27.93 14.07 5.59
C GLN B 120 -26.63 13.43 5.17
N ILE B 121 -25.65 14.31 4.91
CA ILE B 121 -24.41 13.91 4.26
C ILE B 121 -23.31 14.14 5.25
N ALA B 122 -22.80 13.06 5.79
CA ALA B 122 -21.76 13.20 6.78
C ALA B 122 -20.44 13.38 6.02
N LEU B 123 -19.52 14.15 6.59
CA LEU B 123 -18.23 14.35 5.96
C LEU B 123 -17.15 13.77 6.80
N LEU B 124 -16.30 12.96 6.20
CA LEU B 124 -15.12 12.43 6.88
C LEU B 124 -13.89 12.86 6.10
N ALA B 125 -13.01 13.61 6.75
CA ALA B 125 -11.89 14.26 6.09
C ALA B 125 -10.55 13.62 6.36
N GLY B 126 -9.56 14.02 5.57
CA GLY B 126 -8.18 13.59 5.79
C GLY B 126 -7.72 14.33 7.03
N PRO B 127 -6.42 14.27 7.39
CA PRO B 127 -6.07 15.08 8.54
C PRO B 127 -5.70 16.46 8.01
N LEU B 128 -6.13 17.51 8.74
CA LEU B 128 -6.11 18.91 8.28
C LEU B 128 -4.70 19.50 8.25
N SER B 129 -3.74 18.71 8.71
CA SER B 129 -2.35 19.00 8.49
C SER B 129 -2.08 18.96 7.01
N SER B 130 -2.43 17.86 6.37
CA SER B 130 -2.30 17.79 4.91
C SER B 130 -3.07 18.89 4.23
N VAL B 131 -2.35 19.67 3.42
CA VAL B 131 -3.03 20.61 2.51
C VAL B 131 -4.12 19.94 1.65
N SER B 132 -3.76 18.90 0.89
CA SER B 132 -4.72 18.24 0.01
C SER B 132 -6.01 17.89 0.77
N ALA B 133 -5.89 17.60 2.05
CA ALA B 133 -7.05 17.22 2.83
C ALA B 133 -7.98 18.41 3.00
N ARG B 134 -7.37 19.53 3.41
CA ARG B 134 -8.08 20.79 3.66
C ARG B 134 -8.78 21.29 2.42
N LEU B 135 -8.12 21.22 1.27
CA LEU B 135 -8.80 21.54 0.04
C LEU B 135 -10.00 20.61 -0.12
N ARG B 136 -9.74 19.31 -0.13
CA ARG B 136 -10.83 18.38 -0.29
C ARG B 136 -11.94 18.61 0.70
N LEU B 137 -11.65 19.29 1.80
CA LEU B 137 -12.69 19.58 2.77
C LEU B 137 -13.45 20.85 2.37
N ALA B 138 -12.81 22.00 2.53
CA ALA B 138 -13.31 23.20 1.85
C ALA B 138 -14.06 22.84 0.56
N GLY B 139 -13.44 22.01 -0.27
CA GLY B 139 -14.04 21.60 -1.50
C GLY B 139 -15.49 21.20 -1.28
N TRP B 140 -15.68 20.18 -0.46
CA TRP B 140 -17.00 19.62 -0.25
C TRP B 140 -17.93 20.69 0.24
N HIS B 141 -17.45 21.51 1.19
CA HIS B 141 -18.26 22.61 1.72
C HIS B 141 -18.91 23.51 0.64
N LYS B 142 -18.03 24.17 -0.14
CA LYS B 142 -18.45 24.97 -1.28
C LYS B 142 -19.71 24.41 -1.90
N TYR B 143 -19.69 23.14 -2.29
CA TYR B 143 -20.75 22.57 -3.10
C TYR B 143 -21.97 22.10 -2.31
N LEU B 144 -21.80 22.00 -0.98
CA LEU B 144 -22.91 21.67 -0.09
C LEU B 144 -23.63 22.93 0.32
N THR B 145 -22.88 24.01 0.26
CA THR B 145 -23.42 25.33 0.47
C THR B 145 -24.05 25.88 -0.83
N ARG B 146 -23.29 25.88 -1.92
CA ARG B 146 -23.84 26.12 -3.24
C ARG B 146 -25.17 25.35 -3.35
N ASN B 147 -25.22 24.17 -2.73
CA ASN B 147 -26.46 23.39 -2.70
C ASN B 147 -27.40 23.60 -1.49
N GLN B 148 -26.95 24.40 -0.54
CA GLN B 148 -27.80 24.91 0.54
C GLN B 148 -28.07 23.82 1.53
N ILE B 149 -27.01 23.13 1.91
CA ILE B 149 -27.12 22.01 2.81
C ILE B 149 -26.07 22.14 3.91
N GLN B 150 -26.47 21.77 5.13
CA GLN B 150 -25.51 21.67 6.21
C GLN B 150 -25.11 20.20 6.31
N PRO B 151 -23.81 19.92 6.48
CA PRO B 151 -23.47 18.53 6.79
C PRO B 151 -23.92 18.15 8.21
N ILE B 152 -24.56 16.99 8.37
CA ILE B 152 -25.03 16.61 9.70
C ILE B 152 -23.91 16.43 10.68
N ALA B 153 -22.75 15.97 10.20
CA ALA B 153 -21.51 15.92 10.99
C ALA B 153 -20.29 15.88 10.09
N GLU B 154 -19.33 16.76 10.36
CA GLU B 154 -17.99 16.60 9.79
C GLU B 154 -16.96 16.02 10.77
N ARG B 155 -15.92 15.39 10.21
CA ARG B 155 -14.97 14.61 10.98
C ARG B 155 -13.60 14.41 10.35
N GLU B 156 -12.64 14.12 11.22
CA GLU B 156 -11.24 13.99 10.86
C GLU B 156 -10.68 12.64 11.20
N GLY B 157 -9.86 12.10 10.29
CA GLY B 157 -9.14 10.86 10.55
C GLY B 157 -7.67 11.07 10.27
N ASP B 158 -7.04 10.04 9.71
CA ASP B 158 -5.62 10.10 9.44
C ASP B 158 -5.25 9.28 8.22
N TRP B 159 -6.18 9.13 7.29
CA TRP B 159 -6.08 8.26 6.09
C TRP B 159 -6.08 6.75 6.38
N SER B 160 -5.70 6.35 7.61
CA SER B 160 -5.80 4.92 8.05
C SER B 160 -7.24 4.36 8.04
N ALA B 161 -7.38 3.13 7.54
CA ALA B 161 -8.71 2.54 7.44
C ALA B 161 -9.34 2.50 8.79
N MET B 162 -8.55 2.14 9.82
CA MET B 162 -9.05 2.08 11.18
C MET B 162 -9.64 3.41 11.67
N SER B 163 -9.08 4.54 11.26
CA SER B 163 -9.71 5.82 11.55
C SER B 163 -11.12 5.76 10.99
N GLY B 164 -11.27 5.35 9.72
CA GLY B 164 -12.59 5.25 9.10
C GLY B 164 -13.57 4.36 9.83
N PHE B 165 -13.02 3.48 10.64
CA PHE B 165 -13.83 2.73 11.58
C PHE B 165 -14.00 3.63 12.78
N GLN B 166 -13.07 3.57 13.74
CA GLN B 166 -13.16 4.35 14.96
C GLN B 166 -14.03 5.59 14.87
N GLN B 167 -13.73 6.47 13.93
CA GLN B 167 -14.40 7.75 13.78
C GLN B 167 -15.83 7.68 13.24
N THR B 168 -16.06 6.84 12.23
CA THR B 168 -17.39 6.68 11.63
C THR B 168 -18.26 5.83 12.54
N MET B 169 -17.60 5.03 13.37
CA MET B 169 -18.26 4.07 14.24
C MET B 169 -18.56 4.75 15.53
N GLN B 170 -18.37 6.08 15.54
CA GLN B 170 -18.58 6.88 16.74
C GLN B 170 -19.64 7.93 16.46
N MET B 171 -19.47 8.59 15.34
CA MET B 171 -20.51 9.40 14.81
C MET B 171 -21.84 8.63 15.01
N LEU B 172 -21.83 7.33 14.75
CA LEU B 172 -23.08 6.58 14.79
C LEU B 172 -23.51 6.33 16.21
N ASN B 173 -22.53 6.26 17.13
CA ASN B 173 -22.83 6.08 18.58
C ASN B 173 -23.29 7.37 19.33
N GLU B 174 -23.92 8.28 18.57
CA GLU B 174 -24.27 9.60 19.03
C GLU B 174 -25.57 10.04 18.39
N GLY B 175 -26.18 9.12 17.63
CA GLY B 175 -27.50 9.35 17.02
C GLY B 175 -27.38 10.16 15.73
N ILE B 176 -26.13 10.52 15.40
CA ILE B 176 -25.83 11.17 14.13
C ILE B 176 -25.82 10.02 13.15
N VAL B 177 -26.95 9.89 12.45
CA VAL B 177 -27.14 8.81 11.50
C VAL B 177 -27.44 9.40 10.11
N PRO B 178 -26.40 9.61 9.30
CA PRO B 178 -26.49 10.18 7.97
C PRO B 178 -27.20 9.25 7.01
N THR B 179 -27.27 9.64 5.74
CA THR B 179 -27.71 8.68 4.73
C THR B 179 -26.60 8.42 3.75
N ALA B 180 -25.65 9.33 3.78
CA ALA B 180 -24.47 9.20 2.95
C ALA B 180 -23.36 9.80 3.73
N MET B 181 -22.15 9.37 3.42
CA MET B 181 -20.97 10.06 3.88
C MET B 181 -19.99 10.24 2.74
N LEU B 182 -19.33 11.38 2.72
CA LEU B 182 -18.25 11.60 1.76
C LEU B 182 -16.88 11.36 2.43
N VAL B 183 -16.25 10.22 2.11
CA VAL B 183 -15.00 9.88 2.76
C VAL B 183 -13.76 10.28 1.97
N ALA B 184 -12.91 11.07 2.63
CA ALA B 184 -11.74 11.69 2.05
C ALA B 184 -10.73 10.81 1.30
N ASN B 185 -10.66 9.53 1.58
CA ASN B 185 -9.86 8.66 0.74
C ASN B 185 -10.56 7.33 0.80
N ASP B 186 -10.01 6.30 0.16
CA ASP B 186 -10.78 5.04 0.06
C ASP B 186 -10.52 4.15 1.26
N GLN B 187 -9.35 4.36 1.84
CA GLN B 187 -8.84 3.50 2.91
C GLN B 187 -9.69 3.68 4.11
N MET B 188 -9.87 4.93 4.53
CA MET B 188 -10.91 5.30 5.51
C MET B 188 -12.33 4.90 5.08
N ALA B 189 -12.63 4.98 3.80
CA ALA B 189 -13.91 4.49 3.35
C ALA B 189 -14.03 3.03 3.78
N LEU B 190 -12.98 2.24 3.59
CA LEU B 190 -13.00 0.82 3.99
C LEU B 190 -13.50 0.74 5.42
N GLY B 191 -12.77 1.40 6.32
CA GLY B 191 -13.28 1.64 7.66
C GLY B 191 -14.76 2.04 7.71
N ALA B 192 -15.15 2.99 6.88
CA ALA B 192 -16.50 3.57 6.99
C ALA B 192 -17.53 2.51 6.74
N MET B 193 -17.36 1.81 5.65
CA MET B 193 -18.32 0.78 5.29
C MET B 193 -18.26 -0.40 6.26
N ARG B 194 -17.07 -0.67 6.80
CA ARG B 194 -16.91 -1.68 7.81
C ARG B 194 -17.65 -1.33 9.08
N ALA B 195 -17.62 -0.06 9.44
CA ALA B 195 -18.29 0.38 10.66
C ALA B 195 -19.80 0.33 10.48
N ILE B 196 -20.26 0.92 9.37
CA ILE B 196 -21.67 0.95 8.99
C ILE B 196 -22.29 -0.45 8.99
N THR B 197 -21.59 -1.38 8.34
CA THR B 197 -22.07 -2.75 8.26
C THR B 197 -22.24 -3.33 9.62
N GLU B 198 -21.14 -3.40 10.37
CA GLU B 198 -21.14 -4.03 11.72
C GLU B 198 -22.17 -3.43 12.67
N SER B 199 -22.40 -2.12 12.55
CA SER B 199 -23.36 -1.40 13.39
C SER B 199 -24.75 -1.65 12.87
N GLY B 200 -24.88 -2.65 12.01
CA GLY B 200 -26.17 -3.13 11.55
C GLY B 200 -26.90 -2.34 10.47
N LEU B 201 -26.16 -1.89 9.47
CA LEU B 201 -26.83 -1.21 8.40
C LEU B 201 -26.25 -1.61 7.07
N ARG B 202 -27.14 -1.80 6.11
CA ARG B 202 -26.86 -2.15 4.73
C ARG B 202 -26.14 -1.01 4.03
N VAL B 203 -24.88 -1.21 3.64
CA VAL B 203 -24.14 -0.14 2.92
C VAL B 203 -24.69 -0.03 1.50
N GLY B 204 -24.84 1.21 1.05
CA GLY B 204 -25.48 1.48 -0.25
C GLY B 204 -26.92 1.92 -0.06
N ALA B 205 -27.79 0.98 0.30
CA ALA B 205 -29.20 1.29 0.58
C ALA B 205 -29.40 2.12 1.86
N ASP B 206 -28.48 1.99 2.81
CA ASP B 206 -28.71 2.56 4.14
C ASP B 206 -27.92 3.81 4.42
N ILE B 207 -26.61 3.73 4.23
CA ILE B 207 -25.79 4.89 4.36
C ILE B 207 -24.83 4.74 3.24
N SER B 208 -24.94 5.59 2.23
CA SER B 208 -24.09 5.44 1.04
C SER B 208 -22.77 6.15 1.23
N VAL B 209 -21.70 5.50 0.79
CA VAL B 209 -20.37 6.05 0.99
C VAL B 209 -19.78 6.47 -0.35
N VAL B 210 -19.25 7.69 -0.43
CA VAL B 210 -18.42 8.04 -1.58
C VAL B 210 -17.01 8.30 -1.15
N GLY B 211 -16.16 7.40 -1.62
CA GLY B 211 -14.75 7.42 -1.33
C GLY B 211 -14.05 8.36 -2.27
N TYR B 212 -12.72 8.45 -2.11
CA TYR B 212 -11.91 9.39 -2.87
C TYR B 212 -10.56 8.84 -3.18
N ASP B 213 -10.29 8.55 -4.46
CA ASP B 213 -9.01 8.03 -4.98
C ASP B 213 -9.12 7.00 -6.09
N ASP B 214 -10.09 6.08 -6.00
CA ASP B 214 -10.01 4.75 -6.63
C ASP B 214 -8.58 4.29 -6.67
N THR B 215 -8.06 4.10 -5.46
CA THR B 215 -6.87 3.33 -5.15
C THR B 215 -6.97 1.97 -5.80
N GLU B 216 -5.86 1.25 -5.94
CA GLU B 216 -5.86 -0.05 -6.64
C GLU B 216 -6.84 -1.10 -6.04
N ASP B 217 -6.73 -1.31 -4.72
CA ASP B 217 -7.59 -2.20 -3.87
C ASP B 217 -9.11 -2.16 -4.09
N SER B 218 -9.65 -0.93 -4.23
CA SER B 218 -11.01 -0.66 -3.79
C SER B 218 -12.13 -1.26 -4.67
N SER B 219 -11.74 -1.78 -5.84
CA SER B 219 -12.70 -2.48 -6.73
C SER B 219 -13.22 -3.71 -6.01
N CYS B 220 -12.59 -4.05 -4.88
CA CYS B 220 -12.85 -5.30 -4.18
C CYS B 220 -13.41 -5.16 -2.79
N TYR B 221 -13.58 -3.93 -2.32
CA TYR B 221 -14.25 -3.69 -1.04
C TYR B 221 -15.63 -4.29 -1.10
N ILE B 222 -16.25 -4.47 0.06
CA ILE B 222 -17.58 -5.10 0.08
C ILE B 222 -18.69 -4.21 0.68
N PRO B 223 -19.58 -3.69 -0.20
CA PRO B 223 -19.57 -3.88 -1.64
C PRO B 223 -18.53 -2.92 -2.18
N PRO B 224 -18.18 -3.00 -3.46
CA PRO B 224 -17.10 -2.18 -4.02
C PRO B 224 -17.48 -0.74 -4.22
N LEU B 225 -16.46 0.11 -4.15
CA LEU B 225 -16.62 1.52 -3.75
C LEU B 225 -16.79 2.57 -4.84
N THR B 226 -17.92 3.26 -4.76
CA THR B 226 -18.15 4.44 -5.55
C THR B 226 -17.16 5.47 -5.07
N THR B 227 -16.35 5.98 -5.98
CA THR B 227 -15.30 6.90 -5.56
C THR B 227 -14.82 7.86 -6.63
N ILE B 228 -13.86 8.68 -6.25
CA ILE B 228 -13.25 9.62 -7.14
C ILE B 228 -11.82 9.19 -7.54
N LYS B 229 -11.76 8.49 -8.67
CA LYS B 229 -10.49 8.13 -9.27
C LYS B 229 -9.64 9.35 -9.49
N GLN B 230 -8.44 9.35 -8.93
CA GLN B 230 -7.40 10.22 -9.42
C GLN B 230 -6.47 9.33 -10.24
N ASP B 231 -6.17 9.70 -11.47
CA ASP B 231 -5.39 8.77 -12.29
C ASP B 231 -3.89 8.80 -12.01
N PHE B 232 -3.46 7.95 -11.09
CA PHE B 232 -2.06 7.99 -10.61
C PHE B 232 -1.05 7.55 -11.66
N ARG B 233 -1.41 6.63 -12.55
CA ARG B 233 -0.56 6.45 -13.69
C ARG B 233 -0.98 7.45 -14.73
N LEU B 234 -0.67 8.69 -14.39
CA LEU B 234 -0.77 9.86 -15.21
C LEU B 234 -0.01 10.92 -14.45
N LEU B 235 -0.38 11.12 -13.17
CA LEU B 235 0.46 11.87 -12.25
C LEU B 235 1.81 11.19 -12.25
N GLY B 236 1.82 9.86 -12.40
CA GLY B 236 3.04 9.14 -12.75
C GLY B 236 3.69 9.67 -14.02
N GLN B 237 3.12 9.36 -15.19
CA GLN B 237 3.64 9.91 -16.46
C GLN B 237 3.85 11.42 -16.45
N THR B 238 2.77 12.20 -16.54
CA THR B 238 2.86 13.63 -16.90
C THR B 238 3.93 14.36 -16.16
N SER B 239 4.04 14.02 -14.88
CA SER B 239 5.02 14.58 -13.98
C SER B 239 6.46 14.15 -14.34
N VAL B 240 6.63 12.87 -14.69
CA VAL B 240 7.93 12.36 -15.17
C VAL B 240 8.34 13.14 -16.39
N ASP B 241 7.51 13.11 -17.43
CA ASP B 241 7.90 13.81 -18.63
C ASP B 241 7.70 15.33 -18.56
N ARG B 242 7.06 15.84 -17.50
CA ARG B 242 7.17 17.29 -17.32
C ARG B 242 8.53 17.63 -16.80
N LEU B 243 8.97 16.93 -15.77
CA LEU B 243 10.33 17.02 -15.24
C LEU B 243 11.39 16.76 -16.34
N LEU B 244 10.95 16.19 -17.46
CA LEU B 244 11.86 15.86 -18.54
C LEU B 244 12.18 17.08 -19.38
N GLN B 245 11.18 17.65 -20.05
CA GLN B 245 11.44 18.86 -20.80
C GLN B 245 11.90 19.98 -19.87
N LEU B 246 11.56 19.83 -18.59
CA LEU B 246 11.84 20.85 -17.57
C LEU B 246 13.27 20.85 -17.18
N SER B 247 13.92 19.70 -17.34
CA SER B 247 15.36 19.59 -17.14
C SER B 247 16.11 20.28 -18.27
N GLN B 248 15.65 20.02 -19.49
CA GLN B 248 16.25 20.59 -20.69
C GLN B 248 16.11 22.12 -20.82
N GLY B 249 15.12 22.70 -20.12
CA GLY B 249 14.87 24.16 -20.15
C GLY B 249 13.78 24.56 -21.12
N GLN B 250 12.69 23.81 -21.06
CA GLN B 250 11.74 23.73 -22.17
C GLN B 250 10.27 23.78 -21.67
N ALA B 251 10.04 24.51 -20.57
CA ALA B 251 8.69 24.73 -20.00
C ALA B 251 7.94 23.40 -19.64
N VAL B 252 6.70 23.45 -19.14
CA VAL B 252 5.90 24.67 -18.91
C VAL B 252 6.05 25.19 -17.46
N LYS B 253 6.16 26.50 -17.31
CA LYS B 253 6.65 27.13 -16.05
C LYS B 253 5.63 27.42 -14.93
N GLY B 254 4.74 26.46 -14.63
CA GLY B 254 3.81 26.70 -13.54
C GLY B 254 3.13 25.51 -12.91
N ASN B 255 1.79 25.52 -12.99
CA ASN B 255 0.91 24.54 -12.35
C ASN B 255 -0.15 23.98 -13.29
N GLN B 256 -0.18 22.66 -13.38
CA GLN B 256 -1.14 21.95 -14.19
C GLN B 256 -2.12 21.22 -13.30
N LEU B 257 -3.39 21.55 -13.44
CA LEU B 257 -4.44 20.82 -12.75
C LEU B 257 -4.78 19.56 -13.53
N LEU B 258 -4.99 18.44 -12.83
CA LEU B 258 -5.41 17.22 -13.51
C LEU B 258 -6.88 16.89 -13.23
N PRO B 259 -7.60 16.35 -14.22
CA PRO B 259 -9.02 16.15 -14.09
C PRO B 259 -9.31 14.92 -13.31
N VAL B 260 -10.55 14.80 -12.87
CA VAL B 260 -10.96 13.55 -12.25
C VAL B 260 -12.24 12.97 -12.86
N SER B 261 -12.68 11.86 -12.27
CA SER B 261 -13.85 11.16 -12.72
C SER B 261 -14.43 10.52 -11.49
N LEU B 262 -15.73 10.26 -11.54
CA LEU B 262 -16.43 9.52 -10.50
C LEU B 262 -16.55 8.09 -10.97
N VAL B 263 -16.03 7.16 -10.20
CA VAL B 263 -16.21 5.78 -10.53
C VAL B 263 -17.36 5.27 -9.71
N LYS B 264 -18.47 5.09 -10.42
CA LYS B 264 -19.74 4.84 -9.78
C LYS B 264 -19.81 3.36 -9.62
N ARG B 265 -19.92 2.90 -8.38
CA ARG B 265 -19.94 1.48 -8.15
C ARG B 265 -21.21 0.99 -7.50
N LYS B 266 -21.05 0.47 -6.28
CA LYS B 266 -22.12 -0.31 -5.63
C LYS B 266 -22.34 0.09 -4.16
N THR B 267 -21.96 1.33 -3.82
CA THR B 267 -22.15 1.86 -2.47
C THR B 267 -22.89 3.21 -2.46
N THR B 268 -23.63 3.45 -3.55
CA THR B 268 -24.43 4.65 -3.73
C THR B 268 -25.76 4.31 -4.40
N LEU B 269 -26.84 4.77 -3.77
CA LEU B 269 -28.22 4.36 -4.09
C LEU B 269 -29.21 5.37 -3.48
C1A NPF C . 7.39 -11.65 2.31
C2A NPF C . 7.29 -12.84 3.05
C3A NPF C . 8.28 -13.40 3.89
C4A NPF C . 9.51 -12.77 4.04
C5A NPF C . 9.74 -11.56 3.35
C6A NPF C . 8.77 -10.96 2.50
N6 NPF C . 9.05 -9.81 1.87
O6A NPF C . 8.11 -9.14 0.98
O6B NPF C . 10.36 -9.23 2.10
O1 NPF C . 6.31 -10.69 2.50
C1 NPF C . 5.46 -10.96 1.39
C2 NPF C . 3.99 -10.76 1.78
O2 NPF C . 3.62 -11.85 2.62
C3 NPF C . 3.06 -10.69 0.53
O3 NPF C . 2.00 -9.74 0.78
C4 NPF C . 3.73 -10.32 -0.83
O4 NPF C . 3.70 -8.92 -1.09
C5 NPF C . 5.19 -10.74 -0.96
C6 NPF C . 5.79 -10.35 -2.35
O5 NPF C . 5.87 -10.19 0.20
C1A NPF D . -3.08 13.10 -3.01
C2A NPF D . -4.12 13.74 -3.72
C3A NPF D . -3.94 14.66 -4.75
C4A NPF D . -2.66 15.00 -5.18
C5A NPF D . -1.55 14.41 -4.55
C6A NPF D . -1.69 13.48 -3.52
N6 NPF D . -0.57 12.98 -2.98
O6A NPF D . -0.53 11.99 -1.91
O6B NPF D . 0.65 13.44 -3.53
O1 NPF D . -3.26 11.69 -2.84
C1 NPF D . -3.70 11.59 -1.49
C2 NPF D . -4.79 10.52 -1.37
O2 NPF D . -5.98 11.02 -2.00
C3 NPF D . -5.00 10.07 0.11
O3 NPF D . -5.43 8.71 0.22
C4 NPF D . -3.73 10.15 0.96
O4 NPF D . -3.02 8.95 0.66
C5 NPF D . -2.86 11.38 0.64
C6 NPF D . -1.59 11.51 1.51
O5 NPF D . -2.56 11.22 -0.73
#